data_5KLA
#
_entry.id   5KLA
#
_cell.length_a   194.904
_cell.length_b   29.537
_cell.length_c   62.034
_cell.angle_alpha   90.000
_cell.angle_beta   101.250
_cell.angle_gamma   90.000
#
_symmetry.space_group_name_H-M   'C 1 2 1'
#
loop_
_entity.id
_entity.type
_entity.pdbx_description
1 polymer 'Maternal protein pumilio'
2 polymer "RNA (5'-R(*UP*GP*UP*AP*CP*AP*UP*A)-3')"
3 non-polymer 1,2-ETHANEDIOL
4 non-polymer 'ACETATE ION'
5 water water
#
loop_
_entity_poly.entity_id
_entity_poly.type
_entity_poly.pdbx_seq_one_letter_code
_entity_poly.pdbx_strand_id
1 'polypeptide(L)'
;SGRSRLLEDFRNQRYPNLQLRDLANHIVEFSQDQHGSRFIQQKLERATAAEKQMVFSEILAAAYSLMTDVFGNYVIQKFF
EFGTPEQKNTLGMQVKGHVLQLALQMYGCRVIQKALESISPEQQQEIVHELDGHVLKCVKDQNGNHVVQKCIECVDPVAL
QFIINAFKGQVYSLSTHPYGCRVIQRILEHCTAEQTTPILDELHEHTEQLIQDQYGNYVIQHVLEHGKQEDKSILINSVR
GKVLVLSQHKFASNVVEKCVTHATRGERTGLIDEVCTFNDNALHVMMKDQYANYVVQKMIDVSEPTQLKKLMTKIRPHMA
ALRKYTYGKHINAKLEK
;
A
2 'polyribonucleotide' UGUACAUA B
#
loop_
_chem_comp.id
_chem_comp.type
_chem_comp.name
_chem_comp.formula
A RNA linking ADENOSINE-5'-MONOPHOSPHATE 'C10 H14 N5 O7 P'
ACT non-polymer 'ACETATE ION' 'C2 H3 O2 -1'
C RNA linking CYTIDINE-5'-MONOPHOSPHATE 'C9 H14 N3 O8 P'
EDO non-polymer 1,2-ETHANEDIOL 'C2 H6 O2'
G RNA linking GUANOSINE-5'-MONOPHOSPHATE 'C10 H14 N5 O8 P'
U RNA linking URIDINE-5'-MONOPHOSPHATE 'C9 H13 N2 O9 P'
#
# COMPACT_ATOMS: atom_id res chain seq x y z
N SER A 1 -22.46 -33.89 1.22
CA SER A 1 -21.52 -34.98 1.00
C SER A 1 -20.17 -34.53 1.47
N GLY A 2 -19.30 -35.50 1.69
CA GLY A 2 -18.08 -35.25 2.40
C GLY A 2 -16.84 -35.52 1.58
N ARG A 3 -15.72 -35.52 2.27
CA ARG A 3 -14.44 -35.75 1.64
C ARG A 3 -14.37 -37.22 1.22
N SER A 4 -13.72 -37.48 0.09
CA SER A 4 -13.50 -38.85 -0.35
C SER A 4 -12.68 -39.60 0.69
N ARG A 5 -12.75 -40.93 0.59
CA ARG A 5 -11.92 -41.77 1.44
C ARG A 5 -10.44 -41.43 1.29
N LEU A 6 -9.99 -41.17 0.06
CA LEU A 6 -8.59 -40.86 -0.15
C LEU A 6 -8.19 -39.57 0.57
N LEU A 7 -9.00 -38.53 0.40
CA LEU A 7 -8.68 -37.25 1.02
C LEU A 7 -8.76 -37.34 2.53
N GLU A 8 -9.77 -38.02 3.05
CA GLU A 8 -9.88 -38.16 4.50
C GLU A 8 -8.71 -38.93 5.07
N ASP A 9 -8.33 -40.03 4.43
CA ASP A 9 -7.16 -40.78 4.90
C ASP A 9 -5.89 -39.93 4.82
N PHE A 10 -5.72 -39.16 3.75
CA PHE A 10 -4.57 -38.26 3.70
C PHE A 10 -4.56 -37.31 4.89
N ARG A 11 -5.71 -36.70 5.19
CA ARG A 11 -5.80 -35.74 6.27
C ARG A 11 -5.53 -36.38 7.63
N ASN A 12 -5.83 -37.66 7.77
CA ASN A 12 -5.59 -38.40 9.01
C ASN A 12 -4.23 -39.08 9.05
N GLN A 13 -3.32 -38.66 8.19
CA GLN A 13 -1.93 -39.13 8.22
C GLN A 13 -1.81 -40.61 7.89
N ARG A 14 -2.73 -41.13 7.09
CA ARG A 14 -2.65 -42.54 6.71
C ARG A 14 -1.73 -42.79 5.54
N TYR A 15 -1.31 -41.76 4.82
CA TYR A 15 -0.42 -41.90 3.66
C TYR A 15 0.74 -40.93 3.80
N PRO A 16 1.66 -41.19 4.72
CA PRO A 16 2.74 -40.23 4.97
C PRO A 16 3.72 -40.11 3.82
N ASN A 17 3.71 -41.03 2.85
CA ASN A 17 4.61 -40.96 1.71
C ASN A 17 3.84 -40.76 0.41
N LEU A 18 2.64 -40.20 0.51
CA LEU A 18 1.82 -39.93 -0.67
C LEU A 18 2.57 -39.04 -1.65
N GLN A 19 2.33 -39.29 -2.94
CA GLN A 19 2.91 -38.50 -4.02
C GLN A 19 1.81 -38.00 -4.94
N LEU A 20 2.14 -36.99 -5.76
CA LEU A 20 1.16 -36.38 -6.66
C LEU A 20 0.46 -37.40 -7.55
N ARG A 21 1.20 -38.37 -8.08
CA ARG A 21 0.57 -39.34 -8.99
C ARG A 21 -0.53 -40.14 -8.30
N ASP A 22 -0.45 -40.28 -6.97
CA ASP A 22 -1.46 -41.00 -6.23
C ASP A 22 -2.78 -40.26 -6.16
N LEU A 23 -2.80 -38.98 -6.54
CA LEU A 23 -4.00 -38.18 -6.46
C LEU A 23 -4.83 -38.22 -7.74
N ALA A 24 -4.48 -39.06 -8.70
CA ALA A 24 -5.21 -39.14 -9.95
C ALA A 24 -6.71 -39.19 -9.71
N ASN A 25 -7.43 -38.33 -10.43
CA ASN A 25 -8.88 -38.19 -10.40
C ASN A 25 -9.39 -37.46 -9.17
N HIS A 26 -8.50 -37.03 -8.27
CA HIS A 26 -8.87 -36.32 -7.06
C HIS A 26 -8.14 -34.99 -6.93
N ILE A 27 -7.49 -34.49 -7.98
CA ILE A 27 -6.68 -33.29 -7.86
C ILE A 27 -7.54 -32.09 -7.53
N VAL A 28 -8.68 -31.95 -8.21
CA VAL A 28 -9.54 -30.80 -7.92
C VAL A 28 -10.05 -30.87 -6.48
N GLU A 29 -10.46 -32.07 -6.05
CA GLU A 29 -10.95 -32.23 -4.69
C GLU A 29 -9.87 -31.87 -3.67
N PHE A 30 -8.64 -32.34 -3.88
CA PHE A 30 -7.56 -31.97 -2.97
C PHE A 30 -7.30 -30.47 -3.00
N SER A 31 -7.39 -29.85 -4.19
CA SER A 31 -7.09 -28.42 -4.32
C SER A 31 -8.09 -27.57 -3.56
N GLN A 32 -9.31 -28.06 -3.39
CA GLN A 32 -10.37 -27.38 -2.66
C GLN A 32 -10.32 -27.64 -1.15
N ASP A 33 -9.34 -28.42 -0.70
CA ASP A 33 -9.17 -28.78 0.70
C ASP A 33 -7.95 -28.03 1.24
N GLN A 34 -8.03 -27.53 2.48
CA GLN A 34 -6.89 -26.76 2.99
C GLN A 34 -5.62 -27.60 2.95
N HIS A 35 -5.70 -28.82 3.47
CA HIS A 35 -4.50 -29.62 3.60
C HIS A 35 -4.11 -30.27 2.28
N GLY A 36 -5.10 -30.67 1.49
CA GLY A 36 -4.80 -31.18 0.17
C GLY A 36 -4.15 -30.13 -0.71
N SER A 37 -4.60 -28.88 -0.58
CA SER A 37 -4.03 -27.80 -1.37
C SER A 37 -2.59 -27.54 -0.97
N ARG A 38 -2.34 -27.47 0.35
CA ARG A 38 -0.96 -27.28 0.81
C ARG A 38 -0.07 -28.40 0.30
N PHE A 39 -0.57 -29.64 0.27
CA PHE A 39 0.21 -30.75 -0.26
C PHE A 39 0.56 -30.53 -1.72
N ILE A 40 -0.42 -30.16 -2.54
CA ILE A 40 -0.13 -29.92 -3.95
C ILE A 40 0.85 -28.77 -4.10
N GLN A 41 0.64 -27.67 -3.34
CA GLN A 41 1.56 -26.54 -3.43
C GLN A 41 2.98 -26.98 -3.13
N GLN A 42 3.16 -27.80 -2.09
CA GLN A 42 4.51 -28.20 -1.68
C GLN A 42 5.15 -29.15 -2.69
N LYS A 43 4.36 -29.99 -3.32
CA LYS A 43 4.90 -31.01 -4.21
C LYS A 43 5.09 -30.51 -5.65
N LEU A 44 4.48 -29.38 -6.03
CA LEU A 44 4.53 -28.98 -7.44
C LEU A 44 5.95 -28.60 -7.86
N GLU A 45 6.63 -27.78 -7.06
CA GLU A 45 8.06 -27.63 -7.26
C GLU A 45 8.77 -28.80 -6.59
N ARG A 46 9.88 -29.21 -7.19
CA ARG A 46 10.57 -30.47 -6.96
C ARG A 46 9.92 -31.58 -7.77
N ALA A 47 8.77 -31.36 -8.38
CA ALA A 47 8.10 -32.36 -9.19
C ALA A 47 8.61 -32.32 -10.62
N THR A 48 8.33 -33.39 -11.35
CA THR A 48 8.76 -33.53 -12.73
C THR A 48 7.71 -32.97 -13.66
N ALA A 49 8.17 -32.41 -14.78
CA ALA A 49 7.27 -31.86 -15.78
C ALA A 49 6.12 -32.82 -16.08
N ALA A 50 6.38 -34.13 -16.01
CA ALA A 50 5.31 -35.10 -16.21
C ALA A 50 4.29 -35.06 -15.08
N GLU A 51 4.76 -34.87 -13.84
CA GLU A 51 3.83 -34.76 -12.72
C GLU A 51 2.96 -33.52 -12.87
N LYS A 52 3.58 -32.39 -13.23
CA LYS A 52 2.84 -31.14 -13.32
C LYS A 52 1.72 -31.23 -14.34
N GLN A 53 1.97 -31.94 -15.45
CA GLN A 53 0.96 -31.99 -16.51
C GLN A 53 -0.26 -32.80 -16.10
N MET A 54 -0.08 -33.91 -15.37
CA MET A 54 -1.26 -34.60 -14.86
C MET A 54 -2.03 -33.68 -13.91
N VAL A 55 -1.32 -33.00 -13.00
CA VAL A 55 -1.96 -32.03 -12.13
C VAL A 55 -2.66 -30.96 -12.97
N PHE A 56 -1.92 -30.39 -13.93
CA PHE A 56 -2.46 -29.28 -14.72
C PHE A 56 -3.71 -29.71 -15.50
N SER A 57 -3.73 -30.93 -16.02
CA SER A 57 -4.88 -31.41 -16.77
C SER A 57 -6.16 -31.37 -15.94
N GLU A 58 -6.11 -31.84 -14.68
CA GLU A 58 -7.32 -31.91 -13.87
C GLU A 58 -7.77 -30.53 -13.40
N ILE A 59 -6.84 -29.66 -13.04
CA ILE A 59 -7.26 -28.33 -12.60
C ILE A 59 -7.81 -27.53 -13.78
N LEU A 60 -7.31 -27.80 -14.98
CA LEU A 60 -7.67 -26.96 -16.13
C LEU A 60 -9.17 -27.02 -16.38
N ALA A 61 -9.78 -28.20 -16.30
CA ALA A 61 -11.22 -28.31 -16.42
C ALA A 61 -11.93 -27.44 -15.41
N ALA A 62 -11.38 -27.33 -14.20
CA ALA A 62 -11.99 -26.59 -13.10
C ALA A 62 -11.25 -25.29 -12.79
N ALA A 63 -10.47 -24.79 -13.75
CA ALA A 63 -9.56 -23.68 -13.47
C ALA A 63 -10.28 -22.47 -12.89
N TYR A 64 -11.37 -22.03 -13.53
CA TYR A 64 -12.02 -20.81 -13.06
C TYR A 64 -12.55 -20.99 -11.65
N SER A 65 -13.23 -22.11 -11.39
N SER A 65 -13.23 -22.11 -11.40
CA SER A 65 -13.77 -22.34 -10.05
CA SER A 65 -13.77 -22.36 -10.06
C SER A 65 -12.67 -22.35 -9.00
C SER A 65 -12.67 -22.35 -9.00
N LEU A 66 -11.50 -22.90 -9.33
CA LEU A 66 -10.40 -22.93 -8.38
C LEU A 66 -9.79 -21.55 -8.18
N MET A 67 -9.79 -20.71 -9.21
CA MET A 67 -9.25 -19.36 -9.06
C MET A 67 -10.00 -18.58 -8.00
N THR A 68 -11.28 -18.90 -7.80
CA THR A 68 -12.12 -18.21 -6.84
C THR A 68 -12.38 -19.04 -5.60
N ASP A 69 -11.55 -20.06 -5.37
CA ASP A 69 -11.71 -20.92 -4.20
C ASP A 69 -10.73 -20.54 -3.11
N VAL A 70 -11.22 -20.55 -1.87
CA VAL A 70 -10.42 -20.20 -0.69
C VAL A 70 -9.10 -20.98 -0.63
N PHE A 71 -9.11 -22.26 -1.04
CA PHE A 71 -7.88 -23.06 -1.03
C PHE A 71 -7.33 -23.33 -2.42
N GLY A 72 -8.18 -23.37 -3.43
CA GLY A 72 -7.69 -23.70 -4.76
C GLY A 72 -6.90 -22.58 -5.40
N ASN A 73 -7.09 -21.34 -4.95
CA ASN A 73 -6.44 -20.22 -5.62
C ASN A 73 -4.93 -20.35 -5.53
N TYR A 74 -4.43 -20.95 -4.45
CA TYR A 74 -2.99 -21.12 -4.32
C TYR A 74 -2.44 -22.11 -5.34
N VAL A 75 -3.20 -23.13 -5.70
CA VAL A 75 -2.72 -24.08 -6.70
C VAL A 75 -2.58 -23.40 -8.05
N ILE A 76 -3.56 -22.57 -8.42
CA ILE A 76 -3.46 -21.83 -9.67
C ILE A 76 -2.24 -20.92 -9.63
N GLN A 77 -2.05 -20.21 -8.52
CA GLN A 77 -0.91 -19.31 -8.42
C GLN A 77 0.40 -20.08 -8.57
N LYS A 78 0.46 -21.30 -8.03
CA LYS A 78 1.68 -22.10 -8.14
C LYS A 78 2.05 -22.40 -9.59
N PHE A 79 1.06 -22.54 -10.48
CA PHE A 79 1.36 -22.75 -11.90
C PHE A 79 1.83 -21.48 -12.60
N PHE A 80 1.38 -20.31 -12.16
CA PHE A 80 1.96 -19.08 -12.68
C PHE A 80 3.43 -18.94 -12.28
N GLU A 81 3.81 -19.50 -11.14
CA GLU A 81 5.18 -19.38 -10.67
C GLU A 81 6.08 -20.52 -11.15
N PHE A 82 5.56 -21.73 -11.31
CA PHE A 82 6.38 -22.88 -11.65
C PHE A 82 5.93 -23.60 -12.92
N GLY A 83 4.92 -23.10 -13.60
CA GLY A 83 4.47 -23.74 -14.82
C GLY A 83 5.38 -23.45 -16.00
N THR A 84 5.22 -24.28 -17.03
CA THR A 84 5.89 -24.03 -18.28
C THR A 84 5.29 -22.79 -18.93
N PRO A 85 5.98 -22.21 -19.93
CA PRO A 85 5.37 -21.09 -20.64
C PRO A 85 4.03 -21.45 -21.26
N GLU A 86 3.87 -22.69 -21.71
CA GLU A 86 2.60 -23.12 -22.28
C GLU A 86 1.51 -23.20 -21.22
N GLN A 87 1.85 -23.72 -20.03
CA GLN A 87 0.88 -23.79 -18.95
C GLN A 87 0.43 -22.40 -18.53
N LYS A 88 1.39 -21.48 -18.38
CA LYS A 88 1.04 -20.09 -18.07
C LYS A 88 0.15 -19.50 -19.14
N ASN A 89 0.47 -19.76 -20.41
CA ASN A 89 -0.33 -19.22 -21.50
C ASN A 89 -1.74 -19.81 -21.49
N THR A 90 -1.86 -21.11 -21.25
CA THR A 90 -3.18 -21.72 -21.16
C THR A 90 -3.99 -21.14 -20.01
N LEU A 91 -3.35 -20.90 -18.86
CA LEU A 91 -4.07 -20.25 -17.76
C LEU A 91 -4.50 -18.84 -18.14
N GLY A 92 -3.66 -18.11 -18.88
CA GLY A 92 -4.06 -16.80 -19.35
C GLY A 92 -5.34 -16.84 -20.18
N MET A 93 -5.53 -17.90 -20.95
CA MET A 93 -6.75 -18.02 -21.75
C MET A 93 -7.97 -18.27 -20.88
N GLN A 94 -7.78 -18.90 -19.71
CA GLN A 94 -8.88 -19.09 -18.78
C GLN A 94 -9.23 -17.79 -18.08
N VAL A 95 -8.26 -16.91 -17.90
CA VAL A 95 -8.50 -15.60 -17.32
C VAL A 95 -9.14 -14.67 -18.32
N LYS A 96 -8.80 -14.81 -19.60
CA LYS A 96 -9.30 -13.90 -20.63
C LYS A 96 -10.82 -13.85 -20.61
N GLY A 97 -11.35 -12.62 -20.61
CA GLY A 97 -12.78 -12.39 -20.54
C GLY A 97 -13.33 -12.34 -19.14
N HIS A 98 -12.54 -12.69 -18.13
CA HIS A 98 -13.01 -12.76 -16.75
C HIS A 98 -12.19 -11.89 -15.81
N VAL A 99 -11.34 -11.01 -16.34
CA VAL A 99 -10.43 -10.26 -15.49
C VAL A 99 -11.19 -9.43 -14.47
N LEU A 100 -12.22 -8.70 -14.91
CA LEU A 100 -12.94 -7.83 -13.98
C LEU A 100 -13.61 -8.66 -12.89
N GLN A 101 -14.30 -9.73 -13.27
CA GLN A 101 -15.00 -10.54 -12.27
C GLN A 101 -14.02 -11.14 -11.27
N LEU A 102 -12.86 -11.59 -11.74
CA LEU A 102 -11.86 -12.15 -10.85
C LEU A 102 -11.25 -11.07 -9.96
N ALA A 103 -11.00 -9.89 -10.52
CA ALA A 103 -10.39 -8.80 -9.76
C ALA A 103 -11.27 -8.37 -8.60
N LEU A 104 -12.59 -8.48 -8.75
CA LEU A 104 -13.51 -8.10 -7.69
C LEU A 104 -13.78 -9.23 -6.70
N GLN A 105 -13.21 -10.40 -6.92
CA GLN A 105 -13.47 -11.57 -6.08
C GLN A 105 -12.33 -11.74 -5.08
N MET A 106 -12.66 -12.14 -3.86
N MET A 106 -12.66 -12.14 -3.85
CA MET A 106 -11.63 -12.09 -2.81
CA MET A 106 -11.64 -12.12 -2.80
C MET A 106 -10.48 -13.05 -3.07
C MET A 106 -10.47 -13.03 -3.13
N TYR A 107 -10.73 -14.19 -3.73
CA TYR A 107 -9.65 -15.11 -4.08
C TYR A 107 -9.18 -14.93 -5.52
N GLY A 108 -10.11 -14.66 -6.45
CA GLY A 108 -9.72 -14.39 -7.83
C GLY A 108 -8.73 -13.25 -7.94
N CYS A 109 -8.85 -12.23 -7.07
CA CYS A 109 -7.96 -11.09 -7.19
C CYS A 109 -6.52 -11.48 -6.90
N ARG A 110 -6.33 -12.54 -6.10
CA ARG A 110 -5.00 -13.03 -5.80
C ARG A 110 -4.38 -13.68 -7.03
N VAL A 111 -5.21 -14.39 -7.80
CA VAL A 111 -4.73 -14.99 -9.05
C VAL A 111 -4.34 -13.93 -10.06
N ILE A 112 -5.15 -12.88 -10.19
CA ILE A 112 -4.82 -11.81 -11.14
C ILE A 112 -3.50 -11.15 -10.77
N GLN A 113 -3.31 -10.87 -9.47
CA GLN A 113 -2.06 -10.25 -9.03
C GLN A 113 -0.87 -11.15 -9.33
N LYS A 114 -0.99 -12.45 -9.05
CA LYS A 114 0.13 -13.37 -9.32
C LYS A 114 0.42 -13.42 -10.81
N ALA A 115 -0.61 -13.45 -11.63
CA ALA A 115 -0.41 -13.48 -13.07
C ALA A 115 0.39 -12.27 -13.52
N LEU A 116 0.03 -11.09 -13.03
CA LEU A 116 0.69 -9.87 -13.46
C LEU A 116 2.18 -9.90 -13.13
N GLU A 117 2.58 -10.54 -12.05
CA GLU A 117 3.98 -10.68 -11.66
C GLU A 117 4.70 -11.77 -12.43
N SER A 118 4.00 -12.59 -13.21
CA SER A 118 4.55 -13.85 -13.70
C SER A 118 4.58 -13.97 -15.21
N ILE A 119 4.00 -13.01 -15.93
CA ILE A 119 3.78 -13.16 -17.35
C ILE A 119 4.51 -12.05 -18.11
N SER A 120 4.53 -12.19 -19.43
CA SER A 120 5.27 -11.28 -20.29
C SER A 120 4.57 -9.92 -20.36
N PRO A 121 5.28 -8.88 -20.82
CA PRO A 121 4.59 -7.59 -21.00
C PRO A 121 3.37 -7.70 -21.89
N GLU A 122 3.48 -8.48 -22.98
CA GLU A 122 2.34 -8.66 -23.86
C GLU A 122 1.16 -9.26 -23.11
N GLN A 123 1.43 -10.27 -22.28
CA GLN A 123 0.34 -10.90 -21.52
C GLN A 123 -0.19 -9.97 -20.44
N GLN A 124 0.67 -9.15 -19.83
CA GLN A 124 0.18 -8.18 -18.85
C GLN A 124 -0.82 -7.22 -19.48
N GLN A 125 -0.54 -6.78 -20.71
CA GLN A 125 -1.38 -5.75 -21.29
C GLN A 125 -2.73 -6.31 -21.74
N GLU A 126 -2.79 -7.60 -22.07
CA GLU A 126 -4.10 -8.23 -22.29
C GLU A 126 -4.97 -8.11 -21.04
N ILE A 127 -4.39 -8.38 -19.87
CA ILE A 127 -5.15 -8.29 -18.62
C ILE A 127 -5.60 -6.85 -18.38
N VAL A 128 -4.69 -5.90 -18.48
CA VAL A 128 -5.01 -4.52 -18.13
C VAL A 128 -6.12 -3.97 -19.02
N HIS A 129 -6.14 -4.38 -20.29
CA HIS A 129 -7.15 -3.85 -21.21
C HIS A 129 -8.56 -4.14 -20.71
N GLU A 130 -8.76 -5.25 -20.00
CA GLU A 130 -10.08 -5.60 -19.50
C GLU A 130 -10.53 -4.70 -18.35
N LEU A 131 -9.64 -3.90 -17.76
CA LEU A 131 -10.03 -2.97 -16.70
C LEU A 131 -10.37 -1.59 -17.23
N ASP A 132 -10.07 -1.31 -18.50
CA ASP A 132 -10.43 -0.04 -19.09
C ASP A 132 -11.94 0.12 -19.02
N GLY A 133 -12.39 1.26 -18.50
CA GLY A 133 -13.80 1.48 -18.28
C GLY A 133 -14.32 1.04 -16.94
N HIS A 134 -13.48 0.43 -16.10
CA HIS A 134 -13.89 -0.05 -14.79
C HIS A 134 -12.91 0.38 -13.70
N VAL A 135 -12.14 1.45 -13.95
CA VAL A 135 -11.07 1.83 -13.03
C VAL A 135 -11.64 2.23 -11.68
N LEU A 136 -12.59 3.15 -11.65
CA LEU A 136 -13.06 3.65 -10.35
C LEU A 136 -13.75 2.56 -9.56
N LYS A 137 -14.51 1.69 -10.23
CA LYS A 137 -15.13 0.57 -9.55
C LYS A 137 -14.08 -0.32 -8.90
N CYS A 138 -13.01 -0.63 -9.64
CA CYS A 138 -11.98 -1.50 -9.08
C CYS A 138 -11.21 -0.80 -7.96
N VAL A 139 -10.89 0.47 -8.13
CA VAL A 139 -10.10 1.18 -7.14
C VAL A 139 -10.82 1.25 -5.82
N LYS A 140 -12.14 1.43 -5.85
CA LYS A 140 -12.89 1.58 -4.61
C LYS A 140 -13.35 0.24 -4.06
N ASP A 141 -12.94 -0.86 -4.68
CA ASP A 141 -13.30 -2.20 -4.23
C ASP A 141 -12.24 -2.79 -3.32
N GLN A 142 -12.69 -3.50 -2.28
CA GLN A 142 -11.75 -4.05 -1.30
C GLN A 142 -10.81 -5.09 -1.91
N ASN A 143 -11.22 -5.79 -2.97
CA ASN A 143 -10.34 -6.71 -3.69
C ASN A 143 -9.71 -6.06 -4.91
N GLY A 144 -10.50 -5.32 -5.67
CA GLY A 144 -10.04 -4.73 -6.91
C GLY A 144 -8.89 -3.76 -6.74
N ASN A 145 -8.85 -3.03 -5.62
CA ASN A 145 -7.80 -2.02 -5.48
C ASN A 145 -6.43 -2.65 -5.52
N HIS A 146 -6.29 -3.88 -5.02
CA HIS A 146 -5.00 -4.55 -5.03
C HIS A 146 -4.59 -4.95 -6.44
N VAL A 147 -5.56 -5.30 -7.29
CA VAL A 147 -5.25 -5.55 -8.70
C VAL A 147 -4.78 -4.28 -9.37
N VAL A 148 -5.46 -3.15 -9.14
CA VAL A 148 -5.05 -1.90 -9.77
C VAL A 148 -3.66 -1.51 -9.32
N GLN A 149 -3.40 -1.62 -8.00
CA GLN A 149 -2.07 -1.34 -7.49
C GLN A 149 -1.01 -2.20 -8.19
N LYS A 150 -1.29 -3.49 -8.34
CA LYS A 150 -0.32 -4.38 -8.96
C LYS A 150 -0.07 -4.02 -10.42
N CYS A 151 -1.13 -3.62 -11.14
CA CYS A 151 -0.94 -3.16 -12.51
C CYS A 151 0.02 -1.99 -12.55
N ILE A 152 -0.16 -1.02 -11.64
CA ILE A 152 0.68 0.17 -11.64
C ILE A 152 2.12 -0.20 -11.28
N GLU A 153 2.30 -1.20 -10.42
CA GLU A 153 3.63 -1.63 -10.02
C GLU A 153 4.36 -2.36 -11.12
N CYS A 154 3.65 -3.14 -11.94
CA CYS A 154 4.27 -4.15 -12.80
C CYS A 154 4.16 -3.90 -14.30
N VAL A 155 3.29 -3.01 -14.74
CA VAL A 155 2.98 -2.87 -16.16
C VAL A 155 3.58 -1.57 -16.68
N ASP A 156 3.99 -1.60 -17.95
CA ASP A 156 4.53 -0.43 -18.62
C ASP A 156 3.60 0.77 -18.41
N PRO A 157 4.11 1.91 -17.93
CA PRO A 157 3.23 3.06 -17.69
C PRO A 157 2.46 3.52 -18.90
N VAL A 158 2.99 3.30 -20.11
CA VAL A 158 2.28 3.74 -21.30
C VAL A 158 0.90 3.07 -21.36
N ALA A 159 0.80 1.83 -20.89
CA ALA A 159 -0.45 1.11 -20.96
C ALA A 159 -1.42 1.50 -19.85
N LEU A 160 -1.03 2.40 -18.94
N LEU A 160 -1.00 2.40 -18.93
CA LEU A 160 -1.88 2.74 -17.81
CA LEU A 160 -1.77 2.79 -17.76
C LEU A 160 -2.41 4.17 -17.91
C LEU A 160 -2.52 4.11 -17.96
N GLN A 161 -2.37 4.75 -19.12
CA GLN A 161 -2.94 6.09 -19.29
C GLN A 161 -4.43 6.12 -18.98
N PHE A 162 -5.15 5.03 -19.25
CA PHE A 162 -6.58 5.04 -18.98
C PHE A 162 -6.87 5.22 -17.48
N ILE A 163 -5.95 4.79 -16.61
CA ILE A 163 -6.14 5.02 -15.18
C ILE A 163 -5.99 6.49 -14.86
N ILE A 164 -4.94 7.11 -15.38
CA ILE A 164 -4.74 8.55 -15.20
C ILE A 164 -5.96 9.31 -15.68
N ASN A 165 -6.47 8.96 -16.88
CA ASN A 165 -7.63 9.67 -17.42
C ASN A 165 -8.85 9.49 -16.52
N ALA A 166 -9.06 8.29 -15.98
CA ALA A 166 -10.20 8.04 -15.12
C ALA A 166 -10.10 8.81 -13.81
N PHE A 167 -8.88 9.13 -13.37
CA PHE A 167 -8.68 9.85 -12.11
C PHE A 167 -8.89 11.36 -12.24
N LYS A 168 -9.01 11.89 -13.45
CA LYS A 168 -9.22 13.33 -13.60
C LYS A 168 -10.51 13.75 -12.90
N GLY A 169 -10.41 14.75 -12.03
CA GLY A 169 -11.54 15.22 -11.26
C GLY A 169 -11.90 14.37 -10.06
N GLN A 170 -11.18 13.27 -9.83
CA GLN A 170 -11.50 12.33 -8.78
C GLN A 170 -10.40 12.25 -7.73
N VAL A 171 -9.35 13.07 -7.83
CA VAL A 171 -8.19 12.88 -6.98
C VAL A 171 -8.53 13.10 -5.51
N TYR A 172 -9.30 14.14 -5.17
CA TYR A 172 -9.65 14.34 -3.76
C TYR A 172 -10.45 13.16 -3.24
N SER A 173 -11.47 12.74 -3.98
CA SER A 173 -12.32 11.64 -3.54
C SER A 173 -11.51 10.38 -3.31
N LEU A 174 -10.59 10.08 -4.22
CA LEU A 174 -9.80 8.86 -4.11
C LEU A 174 -8.72 8.99 -3.05
N SER A 175 -8.12 10.17 -2.89
CA SER A 175 -7.08 10.35 -1.87
C SER A 175 -7.62 10.27 -0.46
N THR A 176 -8.92 10.49 -0.26
CA THR A 176 -9.56 10.40 1.03
C THR A 176 -10.29 9.07 1.21
N HIS A 177 -10.14 8.14 0.25
CA HIS A 177 -10.80 6.84 0.28
C HIS A 177 -9.83 5.81 0.84
N PRO A 178 -10.31 4.86 1.66
CA PRO A 178 -9.38 3.90 2.27
C PRO A 178 -8.59 3.10 1.26
N TYR A 179 -9.17 2.79 0.12
CA TYR A 179 -8.49 2.00 -0.90
C TYR A 179 -7.90 2.89 -1.98
N GLY A 180 -8.62 3.94 -2.35
CA GLY A 180 -8.12 4.88 -3.35
C GLY A 180 -6.80 5.52 -2.98
N CYS A 181 -6.58 5.80 -1.69
CA CYS A 181 -5.34 6.49 -1.31
C CYS A 181 -4.12 5.63 -1.60
N ARG A 182 -4.27 4.30 -1.60
CA ARG A 182 -3.18 3.41 -1.92
C ARG A 182 -2.84 3.52 -3.40
N VAL A 183 -3.86 3.51 -4.25
CA VAL A 183 -3.64 3.59 -5.69
C VAL A 183 -2.99 4.91 -6.08
N ILE A 184 -3.43 6.03 -5.48
CA ILE A 184 -2.80 7.32 -5.76
C ILE A 184 -1.29 7.26 -5.48
N GLN A 185 -0.92 6.65 -4.35
CA GLN A 185 0.50 6.56 -4.02
C GLN A 185 1.27 5.70 -5.02
N ARG A 186 0.68 4.59 -5.47
CA ARG A 186 1.35 3.80 -6.50
C ARG A 186 1.57 4.62 -7.76
N ILE A 187 0.56 5.40 -8.17
CA ILE A 187 0.71 6.25 -9.35
C ILE A 187 1.91 7.18 -9.19
N LEU A 188 2.01 7.83 -8.03
CA LEU A 188 3.10 8.76 -7.77
C LEU A 188 4.46 8.08 -7.82
N GLU A 189 4.53 6.78 -7.48
CA GLU A 189 5.79 6.04 -7.49
C GLU A 189 6.20 5.57 -8.88
N HIS A 190 5.24 5.19 -9.72
CA HIS A 190 5.54 4.38 -10.90
C HIS A 190 5.18 5.03 -12.22
N CYS A 191 4.32 6.04 -12.24
CA CYS A 191 3.89 6.62 -13.50
C CYS A 191 4.87 7.68 -13.97
N THR A 192 4.74 8.05 -15.24
CA THR A 192 5.65 9.01 -15.84
C THR A 192 5.34 10.43 -15.35
N ALA A 193 6.30 11.33 -15.55
CA ALA A 193 6.13 12.72 -15.14
C ALA A 193 4.92 13.34 -15.83
N GLU A 194 4.69 12.99 -17.09
CA GLU A 194 3.51 13.49 -17.80
C GLU A 194 2.22 12.94 -17.21
N GLN A 195 2.29 11.79 -16.56
CA GLN A 195 1.11 11.21 -15.93
C GLN A 195 0.90 11.76 -14.53
N THR A 196 1.98 11.96 -13.76
CA THR A 196 1.80 12.43 -12.39
C THR A 196 1.51 13.92 -12.31
N THR A 197 1.89 14.70 -13.32
CA THR A 197 1.65 16.14 -13.25
C THR A 197 0.18 16.48 -13.05
N PRO A 198 -0.76 15.95 -13.84
CA PRO A 198 -2.18 16.28 -13.59
C PRO A 198 -2.68 15.76 -12.25
N ILE A 199 -2.11 14.67 -11.74
CA ILE A 199 -2.49 14.16 -10.43
C ILE A 199 -2.06 15.13 -9.35
N LEU A 200 -0.79 15.54 -9.39
CA LEU A 200 -0.25 16.49 -8.42
C LEU A 200 -0.93 17.83 -8.52
N ASP A 201 -1.18 18.32 -9.74
CA ASP A 201 -1.88 19.60 -9.87
C ASP A 201 -3.21 19.53 -9.19
N GLU A 202 -3.95 18.45 -9.45
CA GLU A 202 -5.26 18.34 -8.86
C GLU A 202 -5.16 18.13 -7.36
N LEU A 203 -4.16 17.35 -6.92
N LEU A 203 -4.13 17.40 -6.92
CA LEU A 203 -3.91 17.20 -5.48
CA LEU A 203 -3.92 17.19 -5.49
C LEU A 203 -3.77 18.56 -4.80
C LEU A 203 -3.64 18.49 -4.75
N HIS A 204 -3.00 19.45 -5.40
CA HIS A 204 -2.68 20.75 -4.80
C HIS A 204 -3.90 21.68 -4.75
N GLU A 205 -5.02 21.31 -5.35
CA GLU A 205 -6.25 22.05 -5.14
C GLU A 205 -6.94 21.67 -3.85
N HIS A 206 -6.38 20.70 -3.11
CA HIS A 206 -7.05 20.17 -1.93
C HIS A 206 -6.11 19.96 -0.76
N THR A 207 -4.93 20.60 -0.77
CA THR A 207 -3.90 20.30 0.22
C THR A 207 -4.41 20.41 1.65
N GLU A 208 -5.07 21.51 1.97
CA GLU A 208 -5.44 21.78 3.35
C GLU A 208 -6.40 20.70 3.87
N GLN A 209 -7.34 20.27 3.04
CA GLN A 209 -8.22 19.19 3.47
C GLN A 209 -7.49 17.87 3.60
N LEU A 210 -6.61 17.56 2.66
CA LEU A 210 -5.93 16.27 2.70
C LEU A 210 -5.05 16.12 3.93
N ILE A 211 -4.38 17.20 4.33
CA ILE A 211 -3.45 17.17 5.46
C ILE A 211 -4.12 16.64 6.71
N GLN A 212 -5.39 16.95 6.90
CA GLN A 212 -6.07 16.58 8.14
C GLN A 212 -7.08 15.45 7.93
N ASP A 213 -7.01 14.75 6.81
CA ASP A 213 -7.90 13.64 6.51
C ASP A 213 -7.28 12.29 6.92
N GLN A 214 -8.13 11.38 7.39
CA GLN A 214 -7.74 10.04 7.82
C GLN A 214 -6.87 9.31 6.80
N TYR A 215 -7.20 9.43 5.51
CA TYR A 215 -6.42 8.78 4.46
C TYR A 215 -5.58 9.76 3.64
N GLY A 216 -6.07 10.97 3.44
CA GLY A 216 -5.33 11.93 2.67
C GLY A 216 -4.00 12.30 3.30
N ASN A 217 -3.89 12.21 4.63
CA ASN A 217 -2.63 12.59 5.26
C ASN A 217 -1.49 11.69 4.78
N TYR A 218 -1.79 10.44 4.44
CA TYR A 218 -0.77 9.54 3.93
C TYR A 218 -0.29 9.94 2.54
N VAL A 219 -1.19 10.44 1.70
CA VAL A 219 -0.81 10.89 0.37
C VAL A 219 0.10 12.12 0.47
N ILE A 220 -0.24 13.05 1.35
CA ILE A 220 0.59 14.23 1.57
C ILE A 220 1.97 13.81 2.08
N GLN A 221 2.02 12.91 3.08
CA GLN A 221 3.32 12.45 3.56
C GLN A 221 4.13 11.78 2.47
N HIS A 222 3.47 11.04 1.57
CA HIS A 222 4.18 10.38 0.47
C HIS A 222 4.91 11.40 -0.39
N VAL A 223 4.24 12.50 -0.73
CA VAL A 223 4.87 13.53 -1.56
C VAL A 223 6.03 14.17 -0.80
N LEU A 224 5.86 14.41 0.50
CA LEU A 224 6.96 14.99 1.28
C LEU A 224 8.16 14.06 1.34
N GLU A 225 7.93 12.74 1.40
CA GLU A 225 9.03 11.78 1.53
C GLU A 225 9.67 11.43 0.20
N HIS A 226 8.91 11.50 -0.89
CA HIS A 226 9.34 10.93 -2.16
C HIS A 226 9.22 11.86 -3.36
N GLY A 227 8.59 13.00 -3.23
CA GLY A 227 8.29 13.84 -4.37
C GLY A 227 9.40 14.81 -4.73
N LYS A 228 9.13 15.62 -5.73
CA LYS A 228 10.08 16.65 -6.17
C LYS A 228 10.10 17.81 -5.19
N GLN A 229 11.24 18.50 -5.13
CA GLN A 229 11.37 19.65 -4.23
C GLN A 229 10.26 20.66 -4.43
N GLU A 230 9.88 20.95 -5.69
CA GLU A 230 8.85 21.94 -5.95
C GLU A 230 7.53 21.57 -5.27
N ASP A 231 7.15 20.29 -5.34
CA ASP A 231 5.90 19.87 -4.72
C ASP A 231 6.00 19.90 -3.20
N LYS A 232 7.15 19.52 -2.65
CA LYS A 232 7.33 19.61 -1.21
C LYS A 232 7.15 21.04 -0.72
N SER A 233 7.68 22.02 -1.45
CA SER A 233 7.56 23.42 -1.02
C SER A 233 6.13 23.90 -1.08
N ILE A 234 5.36 23.50 -2.09
CA ILE A 234 3.94 23.83 -2.14
C ILE A 234 3.25 23.31 -0.88
N LEU A 235 3.51 22.06 -0.53
CA LEU A 235 2.89 21.49 0.65
C LEU A 235 3.28 22.27 1.90
N ILE A 236 4.58 22.54 2.05
CA ILE A 236 5.03 23.27 3.21
C ILE A 236 4.35 24.63 3.31
N ASN A 237 3.95 25.20 2.18
CA ASN A 237 3.27 26.50 2.21
C ASN A 237 1.85 26.42 2.79
N SER A 238 1.22 25.24 2.85
N SER A 238 1.23 25.25 2.86
CA SER A 238 -0.05 25.06 3.54
CA SER A 238 -0.05 25.07 3.52
C SER A 238 0.10 24.72 5.01
C SER A 238 0.10 24.71 5.00
N VAL A 239 1.33 24.60 5.49
CA VAL A 239 1.59 24.33 6.88
C VAL A 239 2.18 25.54 7.60
N ARG A 240 2.95 26.39 6.93
CA ARG A 240 3.53 27.55 7.60
CA ARG A 240 3.53 27.53 7.63
C ARG A 240 2.42 28.40 8.21
N GLY A 241 2.65 28.89 9.44
CA GLY A 241 1.66 29.64 10.19
C GLY A 241 0.65 28.78 10.92
N LYS A 242 0.66 27.49 10.68
CA LYS A 242 -0.33 26.56 11.20
C LYS A 242 0.31 25.44 12.00
N VAL A 243 1.59 25.58 12.32
CA VAL A 243 2.31 24.47 12.98
C VAL A 243 1.69 24.12 14.31
N LEU A 244 1.41 25.10 15.15
CA LEU A 244 0.86 24.80 16.46
C LEU A 244 -0.43 24.01 16.35
N VAL A 245 -1.38 24.47 15.54
CA VAL A 245 -2.68 23.79 15.46
C VAL A 245 -2.56 22.43 14.83
N LEU A 246 -1.86 22.33 13.71
CA LEU A 246 -1.79 21.05 13.01
C LEU A 246 -1.01 20.02 13.82
N SER A 247 -0.05 20.45 14.63
CA SER A 247 0.71 19.51 15.44
CA SER A 247 0.72 19.52 15.44
C SER A 247 -0.13 18.82 16.49
N GLN A 248 -1.26 19.41 16.86
CA GLN A 248 -2.15 18.84 17.87
C GLN A 248 -3.20 17.89 17.25
N HIS A 249 -3.12 17.62 15.96
CA HIS A 249 -4.11 16.81 15.27
C HIS A 249 -3.58 15.39 15.07
N LYS A 250 -4.42 14.39 15.32
CA LYS A 250 -3.98 13.01 15.22
C LYS A 250 -3.37 12.71 13.87
N PHE A 251 -4.00 13.19 12.79
CA PHE A 251 -3.53 12.87 11.45
C PHE A 251 -2.47 13.89 11.03
N ALA A 252 -2.77 15.18 11.13
CA ALA A 252 -1.91 16.21 10.59
C ALA A 252 -0.60 16.36 11.34
N SER A 253 -0.51 15.91 12.60
CA SER A 253 0.76 15.97 13.30
C SER A 253 1.84 15.23 12.53
N ASN A 254 1.47 14.13 11.87
CA ASN A 254 2.43 13.34 11.09
C ASN A 254 2.89 14.10 9.86
N VAL A 255 2.00 14.87 9.25
CA VAL A 255 2.36 15.74 8.14
C VAL A 255 3.35 16.80 8.62
N VAL A 256 3.11 17.42 9.77
CA VAL A 256 4.05 18.44 10.27
C VAL A 256 5.43 17.82 10.45
N GLU A 257 5.50 16.60 11.01
CA GLU A 257 6.80 15.98 11.17
C GLU A 257 7.50 15.79 9.83
N LYS A 258 6.77 15.32 8.81
CA LYS A 258 7.39 15.13 7.50
C LYS A 258 7.80 16.44 6.89
N CYS A 259 7.08 17.53 7.14
CA CYS A 259 7.50 18.84 6.64
C CYS A 259 8.83 19.23 7.25
N VAL A 260 8.98 19.12 8.58
CA VAL A 260 10.27 19.56 9.15
C VAL A 260 11.40 18.62 8.74
N THR A 261 11.10 17.35 8.51
CA THR A 261 12.13 16.40 8.09
C THR A 261 12.60 16.68 6.67
N HIS A 262 11.68 16.93 5.75
CA HIS A 262 12.01 16.96 4.33
C HIS A 262 12.08 18.35 3.74
N ALA A 263 11.90 19.37 4.56
CA ALA A 263 12.06 20.76 4.17
C ALA A 263 13.48 21.05 3.72
N THR A 264 13.65 22.14 2.95
CA THR A 264 14.96 22.74 2.76
C THR A 264 15.42 23.37 4.08
N ARG A 265 16.70 23.71 4.15
CA ARG A 265 17.25 24.27 5.39
C ARG A 265 16.44 25.48 5.84
N GLY A 266 16.14 26.38 4.90
CA GLY A 266 15.42 27.59 5.25
C GLY A 266 13.98 27.35 5.63
N GLU A 267 13.33 26.42 4.95
CA GLU A 267 11.95 26.10 5.29
C GLU A 267 11.89 25.48 6.68
N ARG A 268 12.86 24.62 7.00
CA ARG A 268 12.86 24.00 8.32
CA ARG A 268 12.93 23.99 8.32
C ARG A 268 13.09 25.05 9.40
N THR A 269 14.02 25.96 9.21
CA THR A 269 14.19 27.05 10.16
C THR A 269 12.89 27.83 10.36
N GLY A 270 12.20 28.12 9.27
CA GLY A 270 10.94 28.86 9.37
C GLY A 270 9.89 28.13 10.17
N LEU A 271 9.70 26.83 9.90
CA LEU A 271 8.67 26.08 10.62
C LEU A 271 9.01 25.92 12.09
N ILE A 272 10.28 25.69 12.43
CA ILE A 272 10.64 25.52 13.83
C ILE A 272 10.59 26.86 14.56
N ASP A 273 11.08 27.91 13.94
CA ASP A 273 11.07 29.18 14.65
C ASP A 273 9.63 29.63 14.95
N GLU A 274 8.69 29.23 14.13
CA GLU A 274 7.30 29.62 14.33
C GLU A 274 6.86 29.32 15.76
N VAL A 275 7.34 28.23 16.34
CA VAL A 275 6.89 27.79 17.65
C VAL A 275 7.91 28.00 18.74
N CYS A 276 9.09 28.57 18.46
CA CYS A 276 9.98 28.90 19.58
C CYS A 276 10.70 30.23 19.52
N THR A 277 10.63 31.05 18.46
CA THR A 277 11.37 32.30 18.42
C THR A 277 10.60 33.49 18.97
N PHE A 278 9.29 33.37 19.14
CA PHE A 278 8.48 34.42 19.72
C PHE A 278 8.26 34.16 21.21
N ASN A 279 7.76 35.18 21.90
CA ASN A 279 7.50 35.04 23.33
C ASN A 279 6.03 34.67 23.49
N ASP A 280 5.76 33.41 23.20
CA ASP A 280 4.46 32.82 23.38
C ASP A 280 4.66 31.45 23.98
N ASN A 281 3.58 30.77 24.26
CA ASN A 281 3.65 29.47 24.91
C ASN A 281 3.34 28.33 23.96
N ALA A 282 3.54 28.54 22.65
CA ALA A 282 3.21 27.50 21.67
C ALA A 282 3.95 26.20 21.96
N LEU A 283 5.26 26.30 22.22
CA LEU A 283 6.04 25.08 22.40
C LEU A 283 5.58 24.35 23.66
N HIS A 284 5.24 25.09 24.71
CA HIS A 284 4.76 24.46 25.93
C HIS A 284 3.44 23.72 25.69
N VAL A 285 2.51 24.34 24.97
CA VAL A 285 1.29 23.65 24.60
C VAL A 285 1.61 22.37 23.83
N MET A 286 2.54 22.47 22.88
CA MET A 286 2.88 21.30 22.08
C MET A 286 3.48 20.18 22.94
N MET A 287 4.38 20.54 23.85
CA MET A 287 5.05 19.52 24.66
C MET A 287 4.06 18.70 25.46
N LYS A 288 2.97 19.31 25.90
CA LYS A 288 2.01 18.63 26.74
C LYS A 288 0.94 17.89 25.96
N ASP A 289 0.89 18.05 24.64
CA ASP A 289 -0.18 17.47 23.83
C ASP A 289 0.12 16.03 23.44
N GLN A 290 -0.95 15.25 23.33
CA GLN A 290 -0.81 13.81 23.05
C GLN A 290 -0.15 13.56 21.70
N TYR A 291 -0.32 14.46 20.73
CA TYR A 291 0.31 14.29 19.41
C TYR A 291 1.47 15.25 19.21
N ALA A 292 1.32 16.50 19.64
CA ALA A 292 2.36 17.48 19.34
C ALA A 292 3.65 17.21 20.08
N ASN A 293 3.62 16.42 21.16
CA ASN A 293 4.89 16.12 21.81
C ASN A 293 5.81 15.37 20.86
N TYR A 294 5.25 14.56 19.96
CA TYR A 294 6.07 13.89 18.95
C TYR A 294 6.66 14.87 17.95
N VAL A 295 5.92 15.93 17.64
CA VAL A 295 6.43 16.96 16.75
C VAL A 295 7.59 17.69 17.41
N VAL A 296 7.46 18.03 18.70
CA VAL A 296 8.58 18.68 19.40
C VAL A 296 9.81 17.79 19.37
N GLN A 297 9.63 16.49 19.62
CA GLN A 297 10.78 15.59 19.61
C GLN A 297 11.42 15.53 18.22
N LYS A 298 10.59 15.51 17.18
CA LYS A 298 11.15 15.50 15.83
C LYS A 298 11.91 16.79 15.54
N MET A 299 11.35 17.92 15.95
CA MET A 299 12.05 19.19 15.79
C MET A 299 13.40 19.17 16.51
N ILE A 300 13.46 18.61 17.71
CA ILE A 300 14.75 18.47 18.39
C ILE A 300 15.71 17.67 17.52
N ASP A 301 15.25 16.59 16.93
CA ASP A 301 16.11 15.71 16.15
C ASP A 301 16.63 16.36 14.88
N VAL A 302 15.82 17.16 14.20
CA VAL A 302 16.22 17.70 12.89
C VAL A 302 16.74 19.12 12.97
N SER A 303 16.60 19.80 14.11
CA SER A 303 17.03 21.18 14.15
CA SER A 303 17.06 21.18 14.26
C SER A 303 18.55 21.29 14.04
N GLU A 304 18.98 22.27 13.25
CA GLU A 304 20.38 22.63 13.24
C GLU A 304 20.70 23.30 14.58
N PRO A 305 21.98 23.40 14.92
CA PRO A 305 22.31 23.87 16.27
C PRO A 305 21.69 25.19 16.71
N THR A 306 21.62 26.20 15.84
CA THR A 306 20.97 27.46 16.22
C THR A 306 19.53 27.23 16.69
N GLN A 307 18.76 26.45 15.93
CA GLN A 307 17.38 26.21 16.32
C GLN A 307 17.29 25.30 17.54
N LEU A 308 18.22 24.34 17.67
CA LEU A 308 18.18 23.48 18.84
C LEU A 308 18.36 24.31 20.10
N LYS A 309 19.29 25.27 20.06
CA LYS A 309 19.49 26.14 21.21
C LYS A 309 18.23 26.93 21.53
N LYS A 310 17.53 27.42 20.51
CA LYS A 310 16.28 28.14 20.74
C LYS A 310 15.21 27.24 21.35
N LEU A 311 15.07 26.01 20.84
CA LEU A 311 14.11 25.10 21.44
C LEU A 311 14.45 24.85 22.90
N MET A 312 15.73 24.58 23.18
CA MET A 312 16.12 24.26 24.55
C MET A 312 15.85 25.41 25.50
N THR A 313 15.95 26.66 25.03
CA THR A 313 15.66 27.80 25.90
C THR A 313 14.19 27.86 26.27
N LYS A 314 13.28 27.45 25.36
CA LYS A 314 11.87 27.36 25.70
C LYS A 314 11.60 26.16 26.60
N ILE A 315 12.34 25.08 26.45
CA ILE A 315 12.04 23.84 27.16
C ILE A 315 12.53 23.90 28.58
N ARG A 316 13.77 24.36 28.79
CA ARG A 316 14.41 24.23 30.10
C ARG A 316 13.59 24.77 31.26
N PRO A 317 12.93 25.93 31.17
CA PRO A 317 12.13 26.40 32.32
C PRO A 317 11.01 25.45 32.72
N HIS A 318 10.54 24.60 31.82
CA HIS A 318 9.43 23.69 32.07
C HIS A 318 9.88 22.29 32.47
N MET A 319 11.19 22.03 32.48
CA MET A 319 11.71 20.67 32.63
C MET A 319 11.21 20.01 33.92
N ALA A 320 11.36 20.67 35.06
CA ALA A 320 10.97 20.02 36.31
C ALA A 320 9.49 19.67 36.30
N ALA A 321 8.64 20.59 35.84
CA ALA A 321 7.21 20.34 35.83
C ALA A 321 6.81 19.27 34.81
N LEU A 322 7.52 19.17 33.69
CA LEU A 322 7.11 18.27 32.60
C LEU A 322 7.03 16.83 33.06
N ARG A 323 7.82 16.44 34.07
CA ARG A 323 7.87 15.02 34.41
C ARG A 323 6.54 14.49 34.93
N LYS A 324 5.64 15.37 35.40
CA LYS A 324 4.35 14.90 35.86
C LYS A 324 3.28 14.85 34.76
N TYR A 325 3.55 15.42 33.59
CA TYR A 325 2.53 15.49 32.55
C TYR A 325 2.50 14.21 31.74
N THR A 326 1.27 13.77 31.42
CA THR A 326 1.06 12.48 30.76
C THR A 326 1.91 12.36 29.52
N TYR A 327 1.91 13.40 28.68
CA TYR A 327 2.67 13.38 27.43
C TYR A 327 3.94 14.20 27.54
N GLY A 328 3.91 15.28 28.32
CA GLY A 328 5.08 16.10 28.49
C GLY A 328 6.27 15.38 29.07
N LYS A 329 6.03 14.36 29.90
CA LYS A 329 7.13 13.63 30.52
C LYS A 329 8.03 12.98 29.47
N HIS A 330 7.52 12.72 28.27
CA HIS A 330 8.35 12.14 27.21
C HIS A 330 9.36 13.13 26.65
N ILE A 331 9.12 14.43 26.78
CA ILE A 331 10.15 15.40 26.43
C ILE A 331 11.30 15.29 27.40
N ASN A 332 11.01 15.28 28.70
CA ASN A 332 12.07 15.14 29.69
C ASN A 332 12.82 13.82 29.49
N ALA A 333 12.09 12.75 29.22
CA ALA A 333 12.74 11.45 29.05
C ALA A 333 13.73 11.49 27.91
N LYS A 334 13.35 12.12 26.80
CA LYS A 334 14.25 12.23 25.66
C LYS A 334 15.51 13.01 26.03
N LEU A 335 15.35 14.15 26.70
CA LEU A 335 16.48 15.01 26.98
C LEU A 335 17.37 14.47 28.09
N GLU A 336 16.86 13.56 28.91
CA GLU A 336 17.65 12.97 29.98
C GLU A 336 18.27 11.64 29.60
N LYS A 337 18.01 11.13 28.40
CA LYS A 337 18.52 9.82 27.99
C LYS A 337 20.05 9.81 27.96
C1 EDO C . -13.59 4.79 -15.50
O1 EDO C . -13.90 4.31 -14.18
C2 EDO C . -12.57 3.87 -16.16
O2 EDO C . -12.38 4.18 -17.55
H11 EDO C . -14.49 4.82 -16.11
H12 EDO C . -13.19 5.80 -15.45
HO1 EDO C . -14.55 4.91 -13.77
H21 EDO C . -11.61 3.97 -15.65
H22 EDO C . -12.89 2.83 -16.06
HO2 EDO C . -11.73 3.57 -17.92
C1 EDO D . 11.62 -40.71 3.22
O1 EDO D . 10.30 -40.47 3.73
C2 EDO D . 11.60 -40.52 1.71
O2 EDO D . 11.11 -39.20 1.39
H11 EDO D . 11.93 -41.72 3.46
H12 EDO D . 12.32 -40.01 3.68
HO1 EDO D . 10.29 -40.59 4.69
H21 EDO D . 12.61 -40.63 1.31
H22 EDO D . 10.97 -41.27 1.25
HO2 EDO D . 11.11 -39.09 0.42
C ACT E . 17.77 34.95 17.72
O ACT E . 16.85 34.71 16.91
OXT ACT E . 17.50 34.70 18.92
CH3 ACT E . 19.10 35.47 17.27
H1 ACT E . 19.75 35.59 18.15
H2 ACT E . 19.55 34.76 16.58
H3 ACT E . 18.98 36.43 16.78
C ACT F . -1.65 -9.68 2.38
O ACT F . -2.73 -10.31 2.59
OXT ACT F . -1.37 -8.81 3.24
CH3 ACT F . -0.71 -9.92 1.23
H1 ACT F . -1.11 -10.70 0.60
H2 ACT F . 0.27 -10.20 1.62
H3 ACT F . -0.61 -8.99 0.66
C ACT G . -9.72 12.92 14.89
O ACT G . -10.89 12.83 14.46
OXT ACT G . -9.13 14.00 14.64
CH3 ACT G . -9.08 11.81 15.67
H1 ACT G . -9.79 10.99 15.77
H2 ACT G . -8.79 12.17 16.65
H3 ACT G . -8.19 11.47 15.13
#